data_7TGV
#
_entry.id   7TGV
#
_cell.length_a   35.838
_cell.length_b   67.410
_cell.length_c   38.455
_cell.angle_alpha   90.000
_cell.angle_beta   101.371
_cell.angle_gamma   90.000
#
_symmetry.space_group_name_H-M   'P 1 21 1'
#
loop_
_entity.id
_entity.type
_entity.pdbx_description
1 polymer 'Peptidyl-prolyl cis-trans isomerase F, mitochondrial'
2 non-polymer "(4S,7S,11R,13E,19S)-N-[2-(2-aminoethoxy)ethyl]-7-benzyl-4-[([1,1'-biphenyl]-4-yl)methyl]-3,6,12,15,21-pentaoxo-1,3,4,5,6,7,8,9,10,12,15,16,17,18,19,20,21,22-octadecahydro-2H-7,11-methano-2,5,11,16,20-benzopentaazacyclotetracosine-19-carboxamide"
3 water water
#
_entity_poly.entity_id   1
_entity_poly.type   'polypeptide(L)'
_entity_poly.pdbx_seq_one_letter_code
;GNPLVYLDVDANGKPLGRVVLELKADVVPKTAENFRALCTGEKGFGYKGSTFHRVIPSFMCQAGDFTNHNGTGGKSIYGS
RFPDENFTLKHVGPGVLSMANAGPNTNGSQFFICTIKTDWLDGKHVVFGHVIEGMDVVKKIESFGSKSGRTSKKIVITDC
GQLS
;
_entity_poly.pdbx_strand_id   X
#
# COMPACT_ATOMS: atom_id res chain seq x y z
N GLY A 1 20.87 -0.84 -4.25
CA GLY A 1 19.80 -1.83 -4.30
C GLY A 1 18.47 -1.27 -3.82
N ASN A 2 17.45 -1.29 -4.69
CA ASN A 2 16.10 -0.91 -4.24
C ASN A 2 15.67 -1.85 -3.13
N PRO A 3 15.09 -1.35 -2.04
CA PRO A 3 14.59 -2.24 -0.99
C PRO A 3 13.45 -3.14 -1.45
N LEU A 4 13.44 -4.34 -0.89
CA LEU A 4 12.36 -5.29 -1.04
C LEU A 4 11.70 -5.49 0.32
N VAL A 5 10.38 -5.40 0.33
CA VAL A 5 9.59 -5.55 1.54
C VAL A 5 8.47 -6.53 1.28
N TYR A 6 7.89 -7.06 2.35
CA TYR A 6 6.86 -8.07 2.27
C TYR A 6 5.70 -7.70 3.17
N LEU A 7 4.52 -8.11 2.73
CA LEU A 7 3.27 -8.07 3.48
C LEU A 7 2.73 -9.49 3.50
N ASP A 8 2.53 -10.05 4.68
CA ASP A 8 1.81 -11.31 4.85
C ASP A 8 0.37 -10.96 5.24
N VAL A 9 -0.61 -11.46 4.50
CA VAL A 9 -1.97 -10.97 4.60
C VAL A 9 -2.89 -12.12 4.97
N ASP A 10 -3.86 -11.86 5.83
CA ASP A 10 -4.86 -12.85 6.18
C ASP A 10 -6.25 -12.28 5.94
N ALA A 11 -7.22 -13.18 5.81
CA ALA A 11 -8.63 -12.81 5.74
C ALA A 11 -9.36 -13.57 6.84
N ASN A 12 -9.93 -12.82 7.76
CA ASN A 12 -10.58 -13.39 8.95
C ASN A 12 -9.71 -14.44 9.63
N GLY A 13 -8.41 -14.17 9.68
CA GLY A 13 -7.45 -15.02 10.37
C GLY A 13 -6.84 -16.14 9.55
N LYS A 14 -7.28 -16.29 8.30
CA LYS A 14 -6.80 -17.34 7.42
C LYS A 14 -5.73 -16.78 6.51
N PRO A 15 -4.52 -17.34 6.50
CA PRO A 15 -3.47 -16.75 5.68
C PRO A 15 -3.78 -16.83 4.20
N LEU A 16 -3.49 -15.73 3.52
CA LEU A 16 -3.61 -15.66 2.08
C LEU A 16 -2.28 -15.81 1.35
N GLY A 17 -1.17 -15.62 2.06
CA GLY A 17 0.15 -15.66 1.48
C GLY A 17 0.86 -14.33 1.57
N ARG A 18 1.96 -14.25 0.82
CA ARG A 18 2.90 -13.15 0.93
C ARG A 18 2.94 -12.34 -0.36
N VAL A 19 2.93 -11.02 -0.22
CA VAL A 19 3.19 -10.08 -1.31
C VAL A 19 4.59 -9.52 -1.11
N VAL A 20 5.42 -9.58 -2.13
CA VAL A 20 6.75 -8.95 -2.09
C VAL A 20 6.70 -7.75 -3.02
N LEU A 21 7.18 -6.62 -2.52
CA LEU A 21 7.16 -5.35 -3.20
C LEU A 21 8.59 -4.82 -3.36
N GLU A 22 8.93 -4.34 -4.55
CA GLU A 22 10.14 -3.59 -4.79
C GLU A 22 9.81 -2.11 -4.65
N LEU A 23 10.54 -1.41 -3.81
CA LEU A 23 10.34 0.01 -3.58
C LEU A 23 11.35 0.78 -4.42
N LYS A 24 10.85 1.70 -5.23
CA LYS A 24 11.69 2.40 -6.21
C LYS A 24 12.42 3.58 -5.55
N ALA A 25 13.37 3.25 -4.66
CA ALA A 25 14.19 4.25 -4.00
C ALA A 25 15.10 4.97 -4.97
N ASP A 26 15.36 4.38 -6.13
CA ASP A 26 16.12 5.01 -7.20
C ASP A 26 15.41 6.19 -7.88
N VAL A 27 14.11 6.35 -7.69
CA VAL A 27 13.32 7.44 -8.25
C VAL A 27 12.61 8.25 -7.17
N VAL A 28 12.12 7.61 -6.11
CA VAL A 28 11.39 8.32 -5.07
C VAL A 28 11.96 7.86 -3.73
N PRO A 29 13.17 8.28 -3.38
CA PRO A 29 13.79 7.74 -2.18
C PRO A 29 13.05 8.08 -0.89
N LYS A 30 12.48 9.29 -0.77
CA LYS A 30 11.82 9.64 0.49
C LYS A 30 10.55 8.82 0.69
N THR A 31 9.81 8.63 -0.40
CA THR A 31 8.57 7.86 -0.32
C THR A 31 8.86 6.39 -0.10
N ALA A 32 9.87 5.87 -0.76
CA ALA A 32 10.24 4.48 -0.53
C ALA A 32 10.67 4.25 0.90
N GLU A 33 11.48 5.17 1.45
CA GLU A 33 11.95 4.99 2.82
C GLU A 33 10.79 5.03 3.82
N ASN A 34 9.83 5.94 3.65
CA ASN A 34 8.64 5.93 4.50
C ASN A 34 7.98 4.55 4.52
N PHE A 35 7.73 3.98 3.34
CA PHE A 35 7.06 2.69 3.31
C PHE A 35 7.92 1.58 3.88
N ARG A 36 9.23 1.58 3.56
CA ARG A 36 10.16 0.60 4.13
C ARG A 36 10.07 0.61 5.65
N ALA A 37 10.22 1.78 6.25
CA ALA A 37 10.21 1.88 7.71
C ALA A 37 8.87 1.51 8.31
N LEU A 38 7.77 1.83 7.63
CA LEU A 38 6.47 1.41 8.13
C LEU A 38 6.27 -0.10 8.04
N CYS A 39 6.93 -0.77 7.09
CA CYS A 39 6.92 -2.21 7.05
C CYS A 39 7.74 -2.80 8.20
N THR A 40 8.95 -2.25 8.46
CA THR A 40 9.76 -2.81 9.54
C THR A 40 9.21 -2.46 10.91
N GLY A 41 8.44 -1.39 11.01
CA GLY A 41 7.97 -0.94 12.29
C GLY A 41 8.99 -0.23 13.14
N GLU A 42 10.12 0.18 12.56
CA GLU A 42 11.25 0.66 13.34
C GLU A 42 10.98 1.98 14.03
N LYS A 43 9.97 2.76 13.62
CA LYS A 43 9.63 3.98 14.36
C LYS A 43 8.64 3.72 15.49
N GLY A 44 8.27 2.44 15.71
CA GLY A 44 7.32 2.07 16.74
C GLY A 44 5.88 2.00 16.29
N PHE A 45 5.61 2.25 15.02
CA PHE A 45 4.30 2.15 14.43
C PHE A 45 4.51 1.74 12.99
N GLY A 46 3.43 1.31 12.36
CA GLY A 46 3.55 0.82 11.01
C GLY A 46 2.39 -0.10 10.66
N TYR A 47 2.61 -0.90 9.62
CA TYR A 47 1.51 -1.58 8.99
C TYR A 47 1.11 -2.87 9.70
N LYS A 48 1.99 -3.45 10.52
CA LYS A 48 1.69 -4.75 11.13
C LYS A 48 0.43 -4.64 11.98
N GLY A 49 -0.54 -5.50 11.69
CA GLY A 49 -1.79 -5.53 12.41
C GLY A 49 -2.88 -4.70 11.83
N SER A 50 -2.57 -3.85 10.85
CA SER A 50 -3.58 -3.00 10.26
C SER A 50 -4.22 -3.72 9.08
N THR A 51 -5.16 -3.04 8.45
CA THR A 51 -6.05 -3.68 7.49
C THR A 51 -5.97 -3.06 6.10
N PHE A 52 -6.46 -3.83 5.12
CA PHE A 52 -6.91 -3.29 3.85
C PHE A 52 -8.35 -2.88 4.06
N HIS A 53 -8.59 -1.57 4.19
CA HIS A 53 -9.88 -1.05 4.62
C HIS A 53 -10.79 -0.66 3.45
N ARG A 54 -10.25 -0.53 2.25
N ARG A 54 -10.25 -0.46 2.26
CA ARG A 54 -11.03 -0.12 1.09
CA ARG A 54 -11.07 -0.11 1.10
C ARG A 54 -10.48 -0.93 -0.07
C ARG A 54 -10.53 -0.86 -0.10
N VAL A 55 -11.30 -1.81 -0.61
CA VAL A 55 -10.87 -2.71 -1.67
C VAL A 55 -11.95 -2.73 -2.73
N ILE A 56 -11.61 -2.24 -3.92
CA ILE A 56 -12.59 -2.08 -4.98
C ILE A 56 -12.14 -2.92 -6.16
N PRO A 57 -12.91 -3.95 -6.53
CA PRO A 57 -12.49 -4.81 -7.64
C PRO A 57 -12.38 -4.01 -8.92
N SER A 58 -11.39 -4.38 -9.71
CA SER A 58 -11.05 -3.71 -10.96
C SER A 58 -10.65 -2.28 -10.72
N PHE A 59 -10.04 -2.02 -9.57
CA PHE A 59 -9.47 -0.70 -9.28
C PHE A 59 -8.21 -0.88 -8.42
N MET A 60 -8.36 -1.04 -7.11
CA MET A 60 -7.20 -1.11 -6.24
C MET A 60 -7.58 -1.60 -4.85
N CYS A 61 -6.55 -1.98 -4.09
CA CYS A 61 -6.65 -2.44 -2.70
C CYS A 61 -5.88 -1.43 -1.85
N GLN A 62 -6.57 -0.75 -0.94
CA GLN A 62 -6.01 0.32 -0.12
C GLN A 62 -5.88 -0.09 1.32
N ALA A 63 -4.76 0.30 1.93
CA ALA A 63 -4.41 -0.11 3.27
C ALA A 63 -3.62 1.00 3.93
N GLY A 64 -3.12 0.72 5.12
CA GLY A 64 -2.15 1.62 5.75
C GLY A 64 -2.69 2.62 6.75
N ASP A 65 -4.01 2.64 7.00
CA ASP A 65 -4.57 3.55 7.99
C ASP A 65 -4.53 2.82 9.32
N PHE A 66 -3.36 2.85 9.96
CA PHE A 66 -3.17 2.12 11.21
C PHE A 66 -3.64 2.90 12.44
N THR A 67 -4.16 4.12 12.26
CA THR A 67 -4.69 4.88 13.38
C THR A 67 -6.21 4.78 13.46
N ASN A 68 -6.91 4.93 12.32
CA ASN A 68 -8.36 4.99 12.32
C ASN A 68 -9.00 3.87 11.55
N HIS A 69 -8.22 3.12 10.79
CA HIS A 69 -8.70 1.91 10.11
C HIS A 69 -9.87 2.18 9.18
N ASN A 70 -9.99 3.39 8.64
CA ASN A 70 -11.15 3.69 7.80
C ASN A 70 -10.86 4.65 6.65
N GLY A 71 -9.62 4.99 6.39
CA GLY A 71 -9.31 5.85 5.30
C GLY A 71 -9.15 7.29 5.68
N THR A 72 -9.24 7.63 6.96
CA THR A 72 -9.06 9.00 7.43
C THR A 72 -7.74 9.27 8.12
N GLY A 73 -6.99 8.23 8.46
CA GLY A 73 -5.87 8.38 9.37
C GLY A 73 -4.54 7.87 8.87
N GLY A 74 -3.66 7.56 9.81
CA GLY A 74 -2.29 7.18 9.55
C GLY A 74 -1.33 8.33 9.84
N LYS A 75 -0.05 8.07 9.57
CA LYS A 75 0.98 9.09 9.68
C LYS A 75 2.23 8.56 9.01
N SER A 76 3.01 9.49 8.47
CA SER A 76 4.30 9.16 7.89
C SER A 76 5.37 9.02 8.99
N ILE A 77 6.59 8.66 8.57
CA ILE A 77 7.75 8.67 9.45
C ILE A 77 8.39 10.05 9.56
N TYR A 78 7.87 11.04 8.81
CA TYR A 78 8.40 12.40 8.73
C TYR A 78 7.52 13.41 9.47
N GLY A 79 6.79 12.96 10.46
CA GLY A 79 5.71 13.77 10.97
C GLY A 79 4.42 13.28 10.36
N SER A 80 3.36 14.06 10.57
CA SER A 80 2.06 13.56 10.17
C SER A 80 2.03 13.30 8.66
N ARG A 81 2.44 14.29 7.88
N ARG A 81 2.42 14.30 7.88
CA ARG A 81 2.28 14.23 6.45
CA ARG A 81 2.27 14.22 6.43
C ARG A 81 3.56 14.70 5.77
C ARG A 81 3.54 14.71 5.76
N PHE A 82 3.71 14.33 4.50
CA PHE A 82 4.81 14.82 3.69
C PHE A 82 4.41 15.12 2.27
N PRO A 83 5.14 15.99 1.59
CA PRO A 83 4.74 16.42 0.25
C PRO A 83 4.91 15.33 -0.80
N ASP A 84 4.19 15.51 -1.91
CA ASP A 84 4.38 14.66 -3.08
C ASP A 84 5.81 14.82 -3.58
N GLU A 85 6.55 13.71 -3.59
CA GLU A 85 7.97 13.75 -3.91
C GLU A 85 8.19 14.04 -5.39
N ASN A 86 7.55 13.26 -6.25
CA ASN A 86 7.47 13.54 -7.68
C ASN A 86 6.36 12.63 -8.22
N PHE A 87 6.00 12.84 -9.47
CA PHE A 87 5.01 12.05 -10.21
C PHE A 87 5.67 11.32 -11.36
N THR A 88 6.95 10.99 -11.22
CA THR A 88 7.69 10.34 -12.31
C THR A 88 7.05 9.02 -12.73
N LEU A 89 6.78 8.13 -11.77
CA LEU A 89 6.28 6.80 -12.09
C LEU A 89 4.77 6.87 -12.30
N LYS A 90 4.27 6.11 -13.27
CA LYS A 90 2.86 6.11 -13.63
C LYS A 90 2.15 4.83 -13.18
N HIS A 91 0.82 4.94 -13.11
CA HIS A 91 -0.06 3.87 -12.69
C HIS A 91 -0.33 3.03 -13.93
N VAL A 92 0.68 2.22 -14.27
CA VAL A 92 0.75 1.58 -15.57
C VAL A 92 -0.06 0.31 -15.67
N GLY A 93 -0.47 -0.27 -14.55
CA GLY A 93 -1.10 -1.56 -14.59
C GLY A 93 -1.15 -2.25 -13.26
N PRO A 94 -1.60 -3.51 -13.27
CA PRO A 94 -1.69 -4.28 -12.03
C PRO A 94 -0.35 -4.33 -11.31
N GLY A 95 -0.40 -4.30 -9.98
CA GLY A 95 0.79 -4.43 -9.17
C GLY A 95 1.47 -3.14 -8.82
N VAL A 96 1.02 -2.02 -9.37
CA VAL A 96 1.59 -0.72 -9.01
C VAL A 96 1.27 -0.40 -7.57
N LEU A 97 2.28 0.07 -6.84
CA LEU A 97 2.19 0.48 -5.44
C LEU A 97 2.31 1.99 -5.37
N SER A 98 1.32 2.63 -4.77
CA SER A 98 1.18 4.08 -4.83
C SER A 98 0.64 4.64 -3.53
N MET A 99 0.89 5.94 -3.30
CA MET A 99 0.45 6.59 -2.07
C MET A 99 -1.01 7.02 -2.17
N ALA A 100 -1.83 6.61 -1.21
CA ALA A 100 -3.14 7.21 -1.02
C ALA A 100 -2.93 8.63 -0.52
N ASN A 101 -3.92 9.49 -0.76
CA ASN A 101 -3.85 10.84 -0.24
C ASN A 101 -5.25 11.41 -0.24
N ALA A 102 -5.35 12.65 0.25
CA ALA A 102 -6.59 13.39 0.31
C ALA A 102 -6.50 14.69 -0.47
N GLY A 103 -5.64 14.74 -1.47
CA GLY A 103 -5.31 15.96 -2.16
C GLY A 103 -3.82 16.16 -2.18
N PRO A 104 -3.37 17.27 -2.76
CA PRO A 104 -1.94 17.49 -2.91
C PRO A 104 -1.23 17.53 -1.57
N ASN A 105 -0.05 16.92 -1.52
CA ASN A 105 0.88 17.03 -0.38
C ASN A 105 0.24 16.53 0.91
N THR A 106 -0.44 15.40 0.82
CA THR A 106 -1.06 14.77 1.98
C THR A 106 -0.71 13.29 2.08
N ASN A 107 0.56 12.95 1.87
CA ASN A 107 1.05 11.58 2.07
C ASN A 107 1.28 11.31 3.53
N GLY A 108 0.78 10.16 4.00
CA GLY A 108 1.06 9.73 5.36
C GLY A 108 1.55 8.31 5.36
N SER A 109 0.69 7.38 5.73
CA SER A 109 1.00 5.97 5.65
C SER A 109 0.10 5.19 4.71
N GLN A 110 -1.05 5.72 4.35
CA GLN A 110 -1.96 4.96 3.52
C GLN A 110 -1.43 4.80 2.12
N PHE A 111 -1.67 3.62 1.55
CA PHE A 111 -1.13 3.24 0.28
C PHE A 111 -2.15 2.41 -0.44
N PHE A 112 -1.87 2.14 -1.72
CA PHE A 112 -2.71 1.21 -2.47
C PHE A 112 -1.91 0.41 -3.47
N ILE A 113 -2.44 -0.77 -3.77
CA ILE A 113 -1.89 -1.63 -4.80
C ILE A 113 -2.93 -1.72 -5.90
N CYS A 114 -2.56 -1.30 -7.10
CA CYS A 114 -3.53 -1.30 -8.20
C CYS A 114 -3.75 -2.69 -8.71
N THR A 115 -4.98 -2.95 -9.18
CA THR A 115 -5.23 -4.20 -9.89
C THR A 115 -5.54 -3.96 -11.35
N ILE A 116 -5.57 -2.70 -11.76
CA ILE A 116 -5.65 -2.30 -13.15
C ILE A 116 -4.77 -1.07 -13.35
N LYS A 117 -4.60 -0.70 -14.62
CA LYS A 117 -4.05 0.60 -14.99
C LYS A 117 -4.99 1.71 -14.53
N THR A 118 -4.49 2.59 -13.69
CA THR A 118 -5.32 3.69 -13.18
C THR A 118 -4.73 5.03 -13.59
N ASP A 119 -4.71 5.29 -14.90
CA ASP A 119 -4.06 6.48 -15.43
C ASP A 119 -4.65 7.79 -14.91
N TRP A 120 -5.91 7.81 -14.46
CA TRP A 120 -6.50 9.06 -13.97
C TRP A 120 -5.90 9.49 -12.65
N LEU A 121 -5.04 8.64 -12.06
CA LEU A 121 -4.33 8.97 -10.83
C LEU A 121 -2.94 9.49 -11.10
N ASP A 122 -2.46 9.40 -12.33
CA ASP A 122 -1.15 9.92 -12.71
C ASP A 122 -1.11 11.41 -12.47
N GLY A 123 -0.05 11.86 -11.79
CA GLY A 123 0.07 13.23 -11.43
C GLY A 123 -0.67 13.66 -10.20
N LYS A 124 -1.37 12.76 -9.55
CA LYS A 124 -2.12 13.02 -8.34
C LYS A 124 -1.68 12.15 -7.18
N HIS A 125 -1.27 10.93 -7.44
CA HIS A 125 -0.78 10.01 -6.44
C HIS A 125 0.64 9.59 -6.79
N VAL A 126 1.51 9.58 -5.79
CA VAL A 126 2.92 9.26 -5.97
C VAL A 126 3.09 7.74 -6.03
N VAL A 127 3.47 7.24 -7.20
CA VAL A 127 3.83 5.84 -7.36
C VAL A 127 5.24 5.63 -6.85
N PHE A 128 5.46 4.52 -6.14
CA PHE A 128 6.77 4.32 -5.52
C PHE A 128 7.20 2.86 -5.48
N GLY A 129 6.49 1.94 -6.12
CA GLY A 129 6.96 0.58 -6.13
C GLY A 129 6.08 -0.31 -6.97
N HIS A 130 6.34 -1.61 -6.88
CA HIS A 130 5.52 -2.57 -7.60
CA HIS A 130 5.62 -2.60 -7.68
C HIS A 130 5.67 -3.96 -6.98
N VAL A 131 4.62 -4.75 -7.19
CA VAL A 131 4.61 -6.14 -6.72
C VAL A 131 5.55 -6.94 -7.61
N ILE A 132 6.46 -7.71 -6.99
CA ILE A 132 7.33 -8.60 -7.75
C ILE A 132 7.03 -10.07 -7.52
N GLU A 133 6.23 -10.39 -6.52
CA GLU A 133 5.84 -11.74 -6.15
C GLU A 133 4.54 -11.60 -5.36
N GLY A 134 3.61 -12.52 -5.59
CA GLY A 134 2.38 -12.53 -4.82
C GLY A 134 1.27 -11.69 -5.39
N MET A 135 1.29 -11.37 -6.68
CA MET A 135 0.13 -10.75 -7.30
C MET A 135 -1.11 -11.62 -7.13
N ASP A 136 -0.97 -12.95 -7.05
CA ASP A 136 -2.12 -13.81 -6.80
CA ASP A 136 -2.14 -13.78 -6.82
C ASP A 136 -2.75 -13.50 -5.43
N VAL A 137 -1.93 -13.14 -4.44
CA VAL A 137 -2.43 -12.77 -3.13
C VAL A 137 -3.17 -11.43 -3.21
N VAL A 138 -2.64 -10.47 -3.98
CA VAL A 138 -3.36 -9.23 -4.23
C VAL A 138 -4.72 -9.52 -4.84
N LYS A 139 -4.80 -10.44 -5.81
N LYS A 139 -4.80 -10.48 -5.78
CA LYS A 139 -6.09 -10.77 -6.38
CA LYS A 139 -6.08 -10.80 -6.39
C LYS A 139 -7.02 -11.42 -5.36
C LYS A 139 -7.01 -11.52 -5.43
N LYS A 140 -6.48 -12.23 -4.45
CA LYS A 140 -7.30 -12.75 -3.37
C LYS A 140 -7.87 -11.61 -2.53
N ILE A 141 -7.02 -10.66 -2.14
CA ILE A 141 -7.51 -9.50 -1.39
C ILE A 141 -8.65 -8.84 -2.16
N GLU A 142 -8.42 -8.56 -3.44
CA GLU A 142 -9.40 -7.88 -4.29
C GLU A 142 -10.73 -8.62 -4.27
N SER A 143 -10.70 -9.94 -4.23
CA SER A 143 -11.91 -10.76 -4.28
C SER A 143 -12.79 -10.58 -3.05
N PHE A 144 -12.25 -10.00 -1.97
CA PHE A 144 -13.02 -9.69 -0.77
C PHE A 144 -13.52 -8.26 -0.74
N GLY A 145 -13.35 -7.54 -1.84
CA GLY A 145 -13.81 -6.17 -1.94
C GLY A 145 -15.22 -6.10 -2.48
N SER A 146 -15.63 -4.86 -2.79
CA SER A 146 -16.97 -4.60 -3.31
C SER A 146 -16.94 -3.25 -4.00
N LYS A 147 -18.00 -2.94 -4.74
CA LYS A 147 -18.04 -1.66 -5.45
C LYS A 147 -17.90 -0.47 -4.49
N SER A 148 -18.45 -0.57 -3.27
CA SER A 148 -18.35 0.49 -2.26
C SER A 148 -16.95 0.60 -1.69
N GLY A 149 -16.14 -0.43 -1.85
CA GLY A 149 -14.89 -0.57 -1.15
C GLY A 149 -14.96 -1.34 0.15
N ARG A 150 -16.14 -1.52 0.72
CA ARG A 150 -16.26 -2.29 1.94
C ARG A 150 -15.82 -3.73 1.68
N THR A 151 -15.12 -4.32 2.65
CA THR A 151 -14.64 -5.68 2.53
C THR A 151 -15.60 -6.66 3.19
N SER A 152 -15.59 -7.90 2.67
CA SER A 152 -16.51 -8.92 3.15
C SER A 152 -15.84 -9.84 4.17
N LYS A 153 -14.54 -9.71 4.34
CA LYS A 153 -13.77 -10.28 5.43
C LYS A 153 -12.81 -9.20 5.88
N LYS A 154 -12.33 -9.32 7.13
CA LYS A 154 -11.30 -8.42 7.65
C LYS A 154 -9.95 -8.85 7.11
N ILE A 155 -9.35 -8.00 6.29
CA ILE A 155 -8.11 -8.28 5.58
C ILE A 155 -7.00 -7.59 6.36
N VAL A 156 -6.13 -8.36 7.00
CA VAL A 156 -5.13 -7.83 7.92
C VAL A 156 -3.74 -8.14 7.41
N ILE A 157 -2.85 -7.16 7.54
CA ILE A 157 -1.42 -7.37 7.33
C ILE A 157 -0.89 -8.00 8.62
N THR A 158 -0.84 -9.34 8.64
CA THR A 158 -0.44 -10.11 9.81
C THR A 158 0.99 -9.80 10.20
N ASP A 159 1.85 -9.65 9.20
CA ASP A 159 3.26 -9.40 9.40
C ASP A 159 3.74 -8.64 8.18
N CYS A 160 4.85 -7.95 8.34
CA CYS A 160 5.47 -7.18 7.28
C CYS A 160 6.90 -6.86 7.70
N GLY A 161 7.72 -6.50 6.73
CA GLY A 161 9.11 -6.30 7.01
C GLY A 161 9.89 -6.11 5.74
N GLN A 162 11.20 -6.10 5.91
CA GLN A 162 12.12 -5.96 4.81
C GLN A 162 12.84 -7.28 4.58
N LEU A 163 13.11 -7.58 3.31
CA LEU A 163 13.89 -8.75 2.95
C LEU A 163 15.31 -8.32 2.61
N SER A 164 16.27 -8.73 3.43
CA SER A 164 17.66 -8.38 3.22
C SER A 164 18.51 -9.64 3.29
#